data_1SHX
#
_entry.id   1SHX
#
_cell.length_a   36.21
_cell.length_b   70.08
_cell.length_c   58.46
_cell.angle_alpha   90
_cell.angle_beta   95.94
_cell.angle_gamma   90
#
_symmetry.space_group_name_H-M   'P 1 21 1'
#
loop_
_entity.id
_entity.type
_entity.pdbx_description
1 polymer Ephrin-A5
2 branched 2-acetamido-2-deoxy-beta-D-glucopyranose-(1-4)-2-acetamido-2-deoxy-beta-D-glucopyranose-(1-4)-2-acetamido-2-deoxy-beta-D-glucopyranose
3 branched 2-acetamido-2-deoxy-beta-D-glucopyranose-(1-4)-2-acetamido-2-deoxy-beta-D-glucopyranose
4 water water
#
_entity_poly.entity_id   1
_entity_poly.type   'polypeptide(L)'
_entity_poly.pdbx_seq_one_letter_code
;VADRYAVYWNSSNPRFQRGDYHIDVCINDYLDVFCPHYEDSVPEDKTERYVLYMVNFDGYSACDHTSKGFKRWECNRPHS
PNGPLKFSEKFQLFTPFSLGFEFRPGREYFYISSAIPDNGRRSCLKLKVFVRPTNSCM
;
_entity_poly.pdbx_strand_id   A,B
#
loop_
_chem_comp.id
_chem_comp.type
_chem_comp.name
_chem_comp.formula
NAG D-saccharide, beta linking 2-acetamido-2-deoxy-beta-D-glucopyranose 'C8 H15 N O6'
#
# COMPACT_ATOMS: atom_id res chain seq x y z
N VAL A 1 -19.96 38.11 -8.02
CA VAL A 1 -18.83 38.36 -7.08
C VAL A 1 -19.32 38.97 -5.77
N ALA A 2 -20.48 38.49 -5.30
CA ALA A 2 -21.07 38.96 -4.05
C ALA A 2 -21.26 37.78 -3.10
N ASP A 3 -20.74 36.62 -3.52
CA ASP A 3 -20.82 35.39 -2.74
C ASP A 3 -19.62 34.53 -3.06
N ARG A 4 -19.18 34.59 -4.32
CA ARG A 4 -18.02 33.83 -4.79
C ARG A 4 -17.01 34.78 -5.43
N TYR A 5 -15.77 34.70 -4.98
CA TYR A 5 -14.74 35.56 -5.54
C TYR A 5 -13.77 34.70 -6.30
N ALA A 6 -13.63 34.99 -7.61
CA ALA A 6 -12.71 34.22 -8.46
C ALA A 6 -11.30 34.82 -8.41
N VAL A 7 -10.31 33.98 -8.11
CA VAL A 7 -8.92 34.44 -8.06
C VAL A 7 -8.09 33.52 -8.95
N TYR A 8 -7.52 34.10 -10.02
CA TYR A 8 -6.71 33.34 -10.97
C TYR A 8 -5.25 33.47 -10.54
N TRP A 9 -4.76 32.42 -9.89
CA TRP A 9 -3.44 32.40 -9.30
C TRP A 9 -2.32 32.03 -10.24
N ASN A 10 -1.83 33.01 -10.99
CA ASN A 10 -0.73 32.78 -11.93
C ASN A 10 -0.06 34.12 -12.13
N SER A 11 1.22 34.12 -12.50
CA SER A 11 1.96 35.36 -12.64
C SER A 11 1.58 36.29 -13.81
N SER A 12 0.70 35.86 -14.69
CA SER A 12 0.32 36.72 -15.81
C SER A 12 -0.85 37.58 -15.40
N ASN A 13 -1.39 37.32 -14.20
CA ASN A 13 -2.52 38.08 -13.67
C ASN A 13 -1.95 39.39 -13.13
N PRO A 14 -2.34 40.53 -13.72
CA PRO A 14 -1.83 41.83 -13.26
C PRO A 14 -2.02 42.16 -11.80
N ARG A 15 -3.12 41.66 -11.22
CA ARG A 15 -3.42 41.91 -9.82
C ARG A 15 -2.36 41.28 -8.90
N PHE A 16 -1.80 40.15 -9.32
CA PHE A 16 -0.77 39.45 -8.53
C PHE A 16 0.58 40.04 -8.83
N GLN A 17 0.75 40.40 -10.11
CA GLN A 17 1.98 41.01 -10.61
C GLN A 17 2.26 42.26 -9.74
N ARG A 18 1.22 43.07 -9.50
CA ARG A 18 1.37 44.29 -8.69
C ARG A 18 1.79 44.00 -7.25
N GLY A 19 1.60 42.76 -6.83
CA GLY A 19 2.00 42.35 -5.48
C GLY A 19 1.24 42.85 -4.27
N ASP A 20 0.01 43.37 -4.44
CA ASP A 20 -0.79 43.86 -3.33
C ASP A 20 -2.26 43.47 -3.46
N TYR A 21 -2.49 42.36 -4.14
CA TYR A 21 -3.84 41.85 -4.37
C TYR A 21 -4.55 41.63 -3.04
N HIS A 22 -5.73 42.23 -2.87
CA HIS A 22 -6.49 42.08 -1.64
C HIS A 22 -7.99 42.10 -1.93
N ILE A 23 -8.78 41.40 -1.11
CA ILE A 23 -10.22 41.37 -1.33
C ILE A 23 -10.98 41.34 -0.02
N ASP A 24 -12.18 41.92 -0.01
CA ASP A 24 -13.00 41.95 1.20
C ASP A 24 -14.14 40.98 0.95
N VAL A 25 -14.51 40.23 1.97
CA VAL A 25 -15.54 39.25 1.78
C VAL A 25 -16.37 39.24 3.03
N CYS A 26 -17.49 38.56 2.95
CA CYS A 26 -18.38 38.44 4.08
C CYS A 26 -18.36 37.00 4.49
N ILE A 27 -18.57 36.77 5.78
CA ILE A 27 -18.65 35.41 6.29
C ILE A 27 -19.62 34.67 5.37
N ASN A 28 -19.30 33.42 5.10
CA ASN A 28 -20.07 32.55 4.22
C ASN A 28 -19.82 32.73 2.74
N ASP A 29 -19.09 33.78 2.37
CA ASP A 29 -18.73 33.99 0.97
C ASP A 29 -17.74 32.88 0.63
N TYR A 30 -17.43 32.74 -0.66
CA TYR A 30 -16.47 31.74 -1.09
C TYR A 30 -15.37 32.38 -1.90
N LEU A 31 -14.17 31.84 -1.75
CA LEU A 31 -13.06 32.31 -2.53
C LEU A 31 -12.73 31.11 -3.42
N ASP A 32 -12.80 31.30 -4.73
CA ASP A 32 -12.45 30.23 -5.63
C ASP A 32 -11.09 30.51 -6.26
N VAL A 33 -10.10 29.70 -5.95
CA VAL A 33 -8.79 29.91 -6.54
C VAL A 33 -8.60 29.01 -7.76
N PHE A 34 -8.25 29.62 -8.89
CA PHE A 34 -8.04 28.87 -10.11
C PHE A 34 -6.55 28.77 -10.40
N CYS A 35 -6.06 27.54 -10.41
CA CYS A 35 -4.67 27.27 -10.68
C CYS A 35 -4.30 27.56 -12.12
N PRO A 36 -3.00 27.75 -12.42
CA PRO A 36 -2.57 28.02 -13.80
C PRO A 36 -2.99 26.84 -14.69
N HIS A 37 -3.58 27.14 -15.84
CA HIS A 37 -4.06 26.08 -16.73
C HIS A 37 -3.63 26.42 -18.14
N TYR A 38 -3.15 25.42 -18.87
CA TYR A 38 -2.66 25.64 -20.23
C TYR A 38 -3.18 24.66 -21.30
N GLU A 39 -2.88 25.00 -22.55
CA GLU A 39 -3.24 24.14 -23.68
C GLU A 39 -2.06 23.16 -23.78
N ASP A 40 -2.25 21.99 -24.38
CA ASP A 40 -1.16 21.01 -24.46
C ASP A 40 0.06 21.57 -25.13
N SER A 41 -0.18 22.52 -26.01
CA SER A 41 0.85 23.21 -26.77
C SER A 41 1.77 24.09 -25.93
N VAL A 42 1.87 23.84 -24.62
CA VAL A 42 2.72 24.69 -23.78
C VAL A 42 3.98 24.00 -23.19
N PRO A 43 5.16 24.54 -23.53
CA PRO A 43 6.56 24.23 -23.23
C PRO A 43 7.06 23.83 -21.84
N GLU A 44 6.20 23.36 -20.95
CA GLU A 44 6.69 22.98 -19.62
C GLU A 44 7.48 24.08 -18.93
N ASP A 45 8.67 24.37 -19.45
CA ASP A 45 9.53 25.42 -18.91
C ASP A 45 8.68 26.62 -18.55
N LYS A 46 7.59 26.78 -19.31
CA LYS A 46 6.69 27.91 -19.13
C LYS A 46 5.36 27.53 -18.48
N THR A 47 5.36 26.42 -17.77
CA THR A 47 4.18 25.95 -17.07
C THR A 47 4.34 26.24 -15.56
N GLU A 48 3.49 27.12 -15.02
CA GLU A 48 3.55 27.44 -13.60
C GLU A 48 2.83 26.42 -12.71
N ARG A 49 3.47 26.08 -11.62
CA ARG A 49 2.91 25.17 -10.62
C ARG A 49 3.25 25.79 -9.25
N TYR A 50 2.30 25.72 -8.33
CA TYR A 50 2.47 26.30 -7.01
C TYR A 50 1.88 25.48 -5.91
N VAL A 51 2.35 25.76 -4.70
CA VAL A 51 1.79 25.16 -3.50
C VAL A 51 1.24 26.44 -2.90
N LEU A 52 0.04 26.39 -2.34
CA LEU A 52 -0.55 27.58 -1.74
C LEU A 52 -0.61 27.38 -0.24
N TYR A 53 -0.25 28.42 0.50
CA TYR A 53 -0.26 28.36 1.95
C TYR A 53 -1.02 29.50 2.58
N MET A 54 -1.48 29.26 3.79
CA MET A 54 -2.17 30.29 4.54
C MET A 54 -1.18 30.53 5.68
N VAL A 55 -0.76 31.78 5.85
CA VAL A 55 0.23 32.17 6.85
C VAL A 55 -0.20 33.40 7.65
N ASN A 56 0.62 33.79 8.62
CA ASN A 56 0.29 34.97 9.39
C ASN A 56 0.82 36.16 8.64
N PHE A 57 0.56 37.34 9.17
CA PHE A 57 0.99 38.56 8.49
C PHE A 57 2.49 38.64 8.24
N ASP A 58 3.31 38.22 9.21
CA ASP A 58 4.76 38.27 9.04
C ASP A 58 5.16 37.28 7.95
N GLY A 59 4.52 36.13 7.91
CA GLY A 59 4.87 35.16 6.88
C GLY A 59 4.46 35.66 5.49
N TYR A 60 3.37 36.40 5.45
CA TYR A 60 2.85 36.98 4.22
C TYR A 60 3.83 38.07 3.79
N SER A 61 4.19 38.92 4.75
CA SER A 61 5.10 40.03 4.45
C SER A 61 6.45 39.52 3.93
N ALA A 62 6.98 38.49 4.58
CA ALA A 62 8.29 37.95 4.21
C ALA A 62 8.28 36.80 3.20
N CYS A 63 7.12 36.47 2.62
CA CYS A 63 7.03 35.35 1.69
C CYS A 63 7.62 34.08 2.36
N ASP A 64 7.38 33.94 3.66
CA ASP A 64 7.88 32.79 4.43
C ASP A 64 6.87 31.67 4.47
N HIS A 65 7.14 30.56 3.82
CA HIS A 65 6.15 29.51 3.93
C HIS A 65 6.74 28.34 4.70
N THR A 66 7.79 28.63 5.47
CA THR A 66 8.47 27.61 6.28
C THR A 66 8.29 27.75 7.78
N SER A 67 8.14 28.98 8.25
CA SER A 67 8.00 29.26 9.68
C SER A 67 6.69 28.97 10.36
N LYS A 68 5.57 29.13 9.69
CA LYS A 68 4.29 28.90 10.35
C LYS A 68 3.12 29.11 9.38
N GLY A 69 2.14 28.23 9.46
CA GLY A 69 0.96 28.32 8.61
C GLY A 69 0.50 26.93 8.22
N PHE A 70 -0.18 26.81 7.08
CA PHE A 70 -0.60 25.49 6.61
C PHE A 70 -0.50 25.44 5.14
N LYS A 71 -0.13 24.27 4.63
CA LYS A 71 -0.09 24.03 3.22
C LYS A 71 -1.58 23.85 2.94
N ARG A 72 -2.13 24.61 2.00
CA ARG A 72 -3.56 24.48 1.78
C ARG A 72 -3.93 23.73 0.53
N TRP A 73 -3.31 24.08 -0.58
CA TRP A 73 -3.67 23.50 -1.85
C TRP A 73 -2.46 23.34 -2.72
N GLU A 74 -2.51 22.40 -3.64
CA GLU A 74 -1.40 22.17 -4.53
C GLU A 74 -1.83 22.35 -5.99
N CYS A 75 -1.31 23.37 -6.64
CA CYS A 75 -1.63 23.60 -8.04
C CYS A 75 -0.63 22.76 -8.83
N ASN A 76 -0.92 21.47 -8.97
CA ASN A 76 -0.02 20.56 -9.65
C ASN A 76 -0.56 19.84 -10.89
N ARG A 77 -1.64 20.34 -11.49
CA ARG A 77 -2.19 19.77 -12.73
C ARG A 77 -2.40 20.92 -13.74
N PRO A 78 -1.31 21.43 -14.30
CA PRO A 78 -1.40 22.52 -15.27
C PRO A 78 -2.20 22.12 -16.50
N HIS A 79 -2.39 20.81 -16.71
CA HIS A 79 -3.16 20.37 -17.86
C HIS A 79 -4.42 19.59 -17.42
N SER A 80 -4.95 19.92 -16.23
CA SER A 80 -6.14 19.22 -15.73
C SER A 80 -7.21 19.12 -16.81
N PRO A 81 -7.76 17.91 -16.97
CA PRO A 81 -8.80 17.64 -17.97
C PRO A 81 -9.98 18.59 -18.12
N ASN A 82 -10.64 18.95 -17.03
CA ASN A 82 -11.81 19.85 -17.17
C ASN A 82 -11.67 21.29 -16.67
N GLY A 83 -10.79 22.06 -17.29
CA GLY A 83 -10.60 23.41 -16.83
C GLY A 83 -9.56 23.40 -15.72
N PRO A 84 -9.10 24.58 -15.30
CA PRO A 84 -8.09 24.68 -14.25
C PRO A 84 -8.47 23.95 -12.98
N LEU A 85 -7.45 23.50 -12.25
CA LEU A 85 -7.68 22.85 -10.98
C LEU A 85 -8.24 24.01 -10.17
N LYS A 86 -9.25 23.75 -9.37
CA LYS A 86 -9.88 24.81 -8.60
C LYS A 86 -10.02 24.40 -7.15
N PHE A 87 -9.68 25.31 -6.26
CA PHE A 87 -9.80 25.05 -4.85
C PHE A 87 -10.73 26.10 -4.31
N SER A 88 -11.62 25.71 -3.42
CA SER A 88 -12.56 26.67 -2.86
C SER A 88 -12.37 26.87 -1.36
N GLU A 89 -12.51 28.11 -0.91
CA GLU A 89 -12.38 28.44 0.50
C GLU A 89 -13.71 29.01 0.94
N LYS A 90 -14.31 28.47 2.01
CA LYS A 90 -15.57 29.07 2.48
C LYS A 90 -15.30 29.80 3.81
N PHE A 91 -15.60 31.09 3.84
CA PHE A 91 -15.36 31.89 5.05
C PHE A 91 -16.47 31.73 6.07
N GLN A 92 -16.48 30.58 6.71
CA GLN A 92 -17.50 30.28 7.70
C GLN A 92 -16.96 30.28 9.11
N LEU A 93 -17.88 30.47 10.03
CA LEU A 93 -17.55 30.53 11.44
C LEU A 93 -17.25 29.18 12.04
N PHE A 94 -17.97 28.16 11.56
CA PHE A 94 -17.86 26.82 12.10
C PHE A 94 -17.68 25.77 11.02
N THR A 95 -16.90 24.74 11.33
CA THR A 95 -16.70 23.63 10.41
C THR A 95 -16.82 22.42 11.27
N PRO A 96 -17.58 21.40 10.83
CA PRO A 96 -17.70 20.19 11.62
C PRO A 96 -16.53 19.23 11.27
N PHE A 97 -15.80 19.53 10.20
CA PHE A 97 -14.66 18.68 9.76
C PHE A 97 -13.27 19.18 10.16
N SER A 98 -12.32 18.25 10.25
CA SER A 98 -10.95 18.57 10.65
C SER A 98 -10.10 19.08 9.49
N LEU A 99 -10.53 18.79 8.28
CA LEU A 99 -9.80 19.26 7.11
C LEU A 99 -10.22 20.69 6.76
N GLY A 100 -10.91 21.36 7.68
CA GLY A 100 -11.35 22.71 7.36
C GLY A 100 -10.89 23.82 8.28
N PHE A 101 -11.07 25.05 7.80
CA PHE A 101 -10.69 26.23 8.57
C PHE A 101 -11.93 27.07 8.97
N GLU A 102 -11.88 27.68 10.14
CA GLU A 102 -12.96 28.53 10.61
C GLU A 102 -12.45 29.97 10.66
N PHE A 103 -13.28 30.90 10.22
CA PHE A 103 -12.92 32.29 10.16
C PHE A 103 -13.71 33.17 11.12
N ARG A 104 -13.11 34.29 11.50
CA ARG A 104 -13.73 35.27 12.39
C ARG A 104 -13.94 36.60 11.64
N PRO A 105 -15.12 37.22 11.78
CA PRO A 105 -15.38 38.49 11.09
C PRO A 105 -14.49 39.64 11.63
N GLY A 106 -14.17 40.60 10.78
CA GLY A 106 -13.32 41.70 11.21
C GLY A 106 -11.84 41.31 11.35
N ARG A 107 -11.45 40.21 10.70
CA ARG A 107 -10.07 39.71 10.70
C ARG A 107 -9.56 39.55 9.27
N GLU A 108 -8.25 39.67 9.05
CA GLU A 108 -7.70 39.44 7.73
C GLU A 108 -6.87 38.16 7.76
N TYR A 109 -6.87 37.46 6.63
CA TYR A 109 -6.14 36.21 6.53
C TYR A 109 -5.22 36.37 5.34
N PHE A 110 -4.16 35.58 5.32
CA PHE A 110 -3.15 35.72 4.28
C PHE A 110 -2.76 34.45 3.59
N TYR A 111 -2.55 34.57 2.29
CA TYR A 111 -2.16 33.44 1.46
C TYR A 111 -0.94 33.78 0.65
N ILE A 112 -0.04 32.81 0.49
CA ILE A 112 1.16 32.99 -0.33
C ILE A 112 1.38 31.66 -1.01
N SER A 113 2.22 31.66 -2.06
CA SER A 113 2.52 30.45 -2.77
C SER A 113 4.02 30.30 -2.96
N SER A 114 4.47 29.08 -3.20
CA SER A 114 5.88 28.86 -3.53
C SER A 114 5.84 28.11 -4.87
N ALA A 115 6.69 28.49 -5.81
CA ALA A 115 6.71 27.80 -7.10
C ALA A 115 7.04 26.32 -6.85
N ILE A 116 6.33 25.42 -7.55
CA ILE A 116 6.57 23.99 -7.36
C ILE A 116 7.89 23.57 -7.96
N PRO A 117 8.23 24.09 -9.14
CA PRO A 117 9.53 23.66 -9.67
C PRO A 117 10.61 24.28 -8.80
N ASP A 118 10.19 25.14 -7.89
CA ASP A 118 11.06 25.85 -6.96
C ASP A 118 12.08 26.73 -7.67
N ASN A 119 11.65 27.91 -8.09
CA ASN A 119 12.49 28.84 -8.83
C ASN A 119 12.74 30.20 -8.17
N GLY A 120 13.97 30.69 -8.32
CA GLY A 120 14.37 31.99 -7.80
C GLY A 120 13.99 32.27 -6.36
N ARG A 121 13.53 31.22 -5.69
CA ARG A 121 13.10 31.26 -4.29
C ARG A 121 13.41 32.55 -3.50
N ARG A 122 12.49 33.50 -3.53
CA ARG A 122 12.66 34.74 -2.78
C ARG A 122 11.37 35.58 -2.81
N SER A 123 10.92 35.94 -4.00
CA SER A 123 9.70 36.72 -4.15
C SER A 123 8.56 35.70 -4.22
N CYS A 124 7.33 36.17 -4.01
CA CYS A 124 6.21 35.24 -4.08
C CYS A 124 4.91 35.93 -4.44
N LEU A 125 3.96 35.16 -4.97
CA LEU A 125 2.63 35.68 -5.25
C LEU A 125 1.96 35.63 -3.87
N LYS A 126 1.06 36.57 -3.61
CA LYS A 126 0.43 36.56 -2.31
C LYS A 126 -0.95 37.20 -2.38
N LEU A 127 -1.75 37.00 -1.34
CA LEU A 127 -3.10 37.55 -1.32
C LEU A 127 -3.58 37.81 0.10
N LYS A 128 -4.22 38.95 0.28
CA LYS A 128 -4.75 39.35 1.57
C LYS A 128 -6.30 39.26 1.47
N VAL A 129 -6.95 38.67 2.47
CA VAL A 129 -8.41 38.55 2.46
C VAL A 129 -8.97 39.12 3.75
N PHE A 130 -9.79 40.18 3.66
CA PHE A 130 -10.38 40.74 4.87
C PHE A 130 -11.85 40.30 4.98
N VAL A 131 -12.18 39.71 6.11
CA VAL A 131 -13.54 39.26 6.34
C VAL A 131 -14.23 40.41 7.08
N ARG A 132 -15.13 41.09 6.37
CA ARG A 132 -15.84 42.22 6.95
C ARG A 132 -16.59 41.83 8.21
N PRO A 133 -16.74 42.80 9.13
CA PRO A 133 -17.46 42.55 10.38
C PRO A 133 -18.93 42.25 10.12
N THR A 134 -19.53 41.50 11.04
CA THR A 134 -20.94 41.16 10.92
C THR A 134 -21.66 42.49 10.89
N ASN A 135 -22.56 42.67 9.94
CA ASN A 135 -23.31 43.91 9.81
C ASN A 135 -22.72 44.76 8.71
N SER A 136 -21.40 44.89 8.71
CA SER A 136 -20.76 45.66 7.65
C SER A 136 -20.95 44.88 6.40
N CYS A 137 -21.85 43.90 6.47
CA CYS A 137 -22.19 43.05 5.35
C CYS A 137 -23.70 43.10 5.09
N MET A 138 -24.33 44.23 5.46
CA MET A 138 -25.78 44.39 5.30
C MET A 138 -26.41 43.26 6.08
N VAL B 1 -2.85 -29.39 -12.98
CA VAL B 1 -1.97 -30.26 -12.12
C VAL B 1 -0.98 -31.08 -12.97
N ALA B 2 -0.53 -30.50 -14.08
CA ALA B 2 0.43 -31.17 -14.93
C ALA B 2 1.76 -30.55 -14.56
N ASP B 3 1.72 -29.35 -14.03
CA ASP B 3 2.95 -28.68 -13.64
C ASP B 3 3.00 -28.41 -12.14
N ARG B 4 1.84 -28.21 -11.55
CA ARG B 4 1.79 -27.94 -10.11
C ARG B 4 0.90 -28.91 -9.38
N TYR B 5 1.36 -29.35 -8.22
CA TYR B 5 0.62 -30.28 -7.41
C TYR B 5 0.31 -29.64 -6.06
N ALA B 6 -0.96 -29.31 -5.85
CA ALA B 6 -1.35 -28.69 -4.59
C ALA B 6 -1.55 -29.76 -3.55
N VAL B 7 -0.96 -29.58 -2.38
CA VAL B 7 -1.12 -30.50 -1.27
C VAL B 7 -1.63 -29.68 -0.08
N TYR B 8 -2.83 -29.99 0.38
CA TYR B 8 -3.43 -29.28 1.51
C TYR B 8 -3.06 -30.08 2.76
N TRP B 9 -2.01 -29.66 3.44
CA TRP B 9 -1.49 -30.38 4.61
C TRP B 9 -2.25 -30.14 5.91
N ASN B 10 -3.31 -30.90 6.13
CA ASN B 10 -4.07 -30.78 7.36
C ASN B 10 -4.84 -32.07 7.53
N SER B 11 -5.09 -32.42 8.79
CA SER B 11 -5.78 -33.65 9.18
C SER B 11 -7.18 -33.88 8.66
N SER B 12 -7.82 -32.88 8.07
CA SER B 12 -9.15 -33.11 7.56
C SER B 12 -9.13 -33.57 6.11
N ASN B 13 -7.98 -33.46 5.48
CA ASN B 13 -7.80 -33.87 4.09
C ASN B 13 -7.83 -35.43 4.07
N PRO B 14 -8.79 -36.02 3.34
CA PRO B 14 -8.93 -37.48 3.25
C PRO B 14 -7.66 -38.21 2.83
N ARG B 15 -6.94 -37.63 1.88
CA ARG B 15 -5.70 -38.23 1.40
C ARG B 15 -4.67 -38.41 2.51
N PHE B 16 -4.67 -37.51 3.47
CA PHE B 16 -3.74 -37.56 4.58
C PHE B 16 -4.24 -38.51 5.67
N GLN B 17 -5.56 -38.53 5.90
CA GLN B 17 -6.16 -39.42 6.88
C GLN B 17 -5.79 -40.83 6.54
N ARG B 18 -5.83 -41.14 5.25
CA ARG B 18 -5.53 -42.49 4.79
C ARG B 18 -4.12 -43.00 5.08
N GLY B 19 -3.20 -42.11 5.45
CA GLY B 19 -1.83 -42.51 5.77
C GLY B 19 -0.89 -42.91 4.63
N ASP B 20 -1.36 -42.85 3.38
CA ASP B 20 -0.55 -43.27 2.23
C ASP B 20 -0.56 -42.32 1.02
N TYR B 21 -0.66 -41.02 1.28
CA TYR B 21 -0.69 -39.99 0.25
C TYR B 21 0.60 -40.05 -0.58
N HIS B 22 0.48 -40.29 -1.88
CA HIS B 22 1.70 -40.31 -2.68
C HIS B 22 1.40 -39.64 -4.00
N ILE B 23 2.40 -38.98 -4.57
CA ILE B 23 2.17 -38.35 -5.85
C ILE B 23 3.38 -38.60 -6.72
N ASP B 24 3.16 -38.66 -8.01
CA ASP B 24 4.21 -38.85 -9.00
C ASP B 24 4.38 -37.49 -9.67
N VAL B 25 5.61 -37.03 -9.85
CA VAL B 25 5.82 -35.73 -10.46
C VAL B 25 6.94 -35.85 -11.48
N CYS B 26 7.14 -34.81 -12.29
CA CYS B 26 8.21 -34.82 -13.26
C CYS B 26 9.23 -33.81 -12.82
N ILE B 27 10.47 -33.93 -13.32
CA ILE B 27 11.52 -32.97 -13.00
C ILE B 27 10.94 -31.64 -13.47
N ASN B 28 11.16 -30.59 -12.69
CA ASN B 28 10.66 -29.26 -12.97
C ASN B 28 9.19 -29.00 -12.63
N ASP B 29 8.51 -30.00 -12.08
CA ASP B 29 7.14 -29.79 -11.66
C ASP B 29 7.25 -29.07 -10.33
N TYR B 30 6.12 -28.57 -9.81
CA TYR B 30 6.14 -27.87 -8.52
C TYR B 30 5.20 -28.53 -7.55
N LEU B 31 5.54 -28.50 -6.28
CA LEU B 31 4.64 -29.01 -5.28
C LEU B 31 4.25 -27.73 -4.54
N ASP B 32 2.96 -27.48 -4.38
CA ASP B 32 2.52 -26.34 -3.59
C ASP B 32 1.87 -26.89 -2.34
N VAL B 33 2.46 -26.58 -1.21
CA VAL B 33 1.95 -27.04 0.05
C VAL B 33 1.17 -25.94 0.76
N PHE B 34 -0.07 -26.23 1.09
CA PHE B 34 -0.92 -25.24 1.73
C PHE B 34 -1.08 -25.63 3.19
N CYS B 35 -0.73 -24.71 4.08
CA CYS B 35 -0.82 -24.95 5.51
C CYS B 35 -2.23 -24.83 6.05
N PRO B 36 -2.51 -25.46 7.20
CA PRO B 36 -3.85 -25.36 7.77
C PRO B 36 -4.19 -23.87 7.90
N HIS B 37 -5.40 -23.49 7.54
CA HIS B 37 -5.79 -22.09 7.67
C HIS B 37 -7.23 -22.00 8.21
N TYR B 38 -7.50 -21.01 9.06
CA TYR B 38 -8.83 -20.89 9.68
C TYR B 38 -9.41 -19.50 9.81
N GLU B 39 -10.73 -19.45 10.00
CA GLU B 39 -11.44 -18.19 10.22
C GLU B 39 -11.10 -17.83 11.68
N ASP B 40 -11.16 -16.56 12.02
CA ASP B 40 -10.83 -16.13 13.38
C ASP B 40 -11.68 -16.81 14.43
N SER B 41 -12.86 -17.23 14.02
CA SER B 41 -13.85 -17.86 14.89
C SER B 41 -13.51 -19.27 15.38
N VAL B 42 -12.36 -19.80 14.96
CA VAL B 42 -11.97 -21.13 15.35
C VAL B 42 -11.12 -21.14 16.61
N PRO B 43 -11.54 -21.91 17.61
CA PRO B 43 -11.03 -22.19 18.96
C PRO B 43 -9.61 -22.60 19.33
N GLU B 44 -8.58 -22.23 18.57
CA GLU B 44 -7.22 -22.60 18.98
C GLU B 44 -6.98 -24.08 19.23
N ASP B 45 -7.58 -24.60 20.29
CA ASP B 45 -7.45 -26.01 20.66
C ASP B 45 -7.60 -26.86 19.42
N LYS B 46 -8.35 -26.33 18.47
CA LYS B 46 -8.64 -27.03 17.23
C LYS B 46 -7.89 -26.54 16.00
N THR B 47 -6.91 -25.68 16.22
CA THR B 47 -6.09 -25.13 15.15
C THR B 47 -4.84 -25.98 14.97
N GLU B 48 -4.64 -26.51 13.76
CA GLU B 48 -3.47 -27.34 13.49
C GLU B 48 -2.28 -26.50 13.06
N ARG B 49 -1.12 -26.84 13.58
CA ARG B 49 0.13 -26.16 13.25
C ARG B 49 1.14 -27.29 13.12
N TYR B 50 2.05 -27.19 12.15
CA TYR B 50 3.05 -28.21 11.93
C TYR B 50 4.40 -27.66 11.48
N VAL B 51 5.42 -28.48 11.67
CA VAL B 51 6.74 -28.18 11.14
C VAL B 51 6.86 -29.32 10.13
N LEU B 52 7.26 -29.01 8.90
CA LEU B 52 7.39 -30.05 7.89
C LEU B 52 8.86 -30.35 7.63
N TYR B 53 9.18 -31.64 7.59
CA TYR B 53 10.55 -32.10 7.38
C TYR B 53 10.67 -33.03 6.17
N MET B 54 11.83 -33.02 5.55
CA MET B 54 12.04 -33.97 4.47
C MET B 54 12.89 -35.02 5.19
N VAL B 55 12.60 -36.30 5.01
CA VAL B 55 13.33 -37.39 5.68
C VAL B 55 13.58 -38.55 4.72
N ASN B 56 14.33 -39.56 5.17
CA ASN B 56 14.58 -40.73 4.37
C ASN B 56 13.44 -41.68 4.63
N PHE B 57 13.46 -42.80 3.91
CA PHE B 57 12.39 -43.78 4.05
C PHE B 57 12.17 -44.26 5.47
N ASP B 58 13.25 -44.59 6.16
CA ASP B 58 13.15 -45.05 7.54
C ASP B 58 12.48 -43.96 8.39
N GLY B 59 12.93 -42.71 8.26
CA GLY B 59 12.30 -41.63 9.01
C GLY B 59 10.80 -41.49 8.70
N TYR B 60 10.45 -41.68 7.43
CA TYR B 60 9.07 -41.58 6.96
C TYR B 60 8.18 -42.68 7.57
N SER B 61 8.70 -43.91 7.53
CA SER B 61 7.94 -45.05 8.06
C SER B 61 7.74 -44.96 9.56
N ALA B 62 8.78 -44.50 10.25
CA ALA B 62 8.74 -44.36 11.71
C ALA B 62 8.22 -43.00 12.18
N CYS B 63 7.87 -42.11 11.25
CA CYS B 63 7.44 -40.78 11.65
C CYS B 63 8.56 -40.23 12.53
N ASP B 64 9.79 -40.40 12.10
CA ASP B 64 10.97 -39.94 12.84
C ASP B 64 11.69 -38.85 12.07
N HIS B 65 11.67 -37.63 12.61
CA HIS B 65 12.33 -36.49 11.97
C HIS B 65 13.59 -36.13 12.73
N THR B 66 13.98 -36.98 13.68
CA THR B 66 15.15 -36.69 14.49
C THR B 66 16.43 -37.32 13.95
N SER B 67 16.37 -38.58 13.55
CA SER B 67 17.54 -39.30 13.06
C SER B 67 18.11 -38.80 11.75
N LYS B 68 17.26 -38.68 10.73
CA LYS B 68 17.76 -38.20 9.47
C LYS B 68 16.75 -37.46 8.64
N GLY B 69 17.00 -36.15 8.53
CA GLY B 69 16.12 -35.30 7.75
C GLY B 69 16.32 -33.87 8.22
N PHE B 70 15.56 -32.97 7.64
CA PHE B 70 15.69 -31.59 8.04
C PHE B 70 14.43 -30.80 7.87
N LYS B 71 14.32 -29.75 8.68
CA LYS B 71 13.16 -28.90 8.63
C LYS B 71 13.09 -28.17 7.28
N ARG B 72 11.95 -28.26 6.60
CA ARG B 72 11.80 -27.58 5.32
C ARG B 72 10.89 -26.37 5.44
N TRP B 73 9.72 -26.55 6.05
CA TRP B 73 8.76 -25.46 6.17
C TRP B 73 8.07 -25.43 7.52
N GLU B 74 7.64 -24.25 7.94
CA GLU B 74 6.95 -24.13 9.22
C GLU B 74 5.53 -23.57 9.01
N CYS B 75 4.53 -24.40 9.30
CA CYS B 75 3.14 -24.00 9.15
C CYS B 75 2.72 -23.45 10.50
N ASN B 76 3.13 -22.22 10.80
CA ASN B 76 2.85 -21.62 12.09
C ASN B 76 1.98 -20.36 12.08
N ARG B 77 1.26 -20.13 10.99
CA ARG B 77 0.38 -18.98 10.90
C ARG B 77 -1.03 -19.47 10.49
N PRO B 78 -1.73 -20.17 11.39
CA PRO B 78 -3.08 -20.69 11.15
C PRO B 78 -4.09 -19.58 10.84
N HIS B 79 -3.74 -18.35 11.19
CA HIS B 79 -4.62 -17.21 10.88
C HIS B 79 -3.96 -16.21 9.95
N SER B 80 -3.04 -16.66 9.09
CA SER B 80 -2.35 -15.73 8.19
C SER B 80 -3.34 -14.86 7.44
N PRO B 81 -3.08 -13.56 7.41
CA PRO B 81 -3.93 -12.56 6.76
C PRO B 81 -4.34 -12.79 5.31
N ASN B 82 -3.43 -13.22 4.46
CA ASN B 82 -3.81 -13.42 3.05
C ASN B 82 -4.03 -14.85 2.57
N GLY B 83 -4.77 -15.65 3.33
CA GLY B 83 -5.01 -17.02 2.94
C GLY B 83 -3.97 -17.91 3.59
N PRO B 84 -4.02 -19.23 3.36
CA PRO B 84 -3.08 -20.18 3.93
C PRO B 84 -1.65 -19.84 3.67
N LEU B 85 -0.76 -20.13 4.62
CA LEU B 85 0.67 -19.96 4.36
C LEU B 85 0.91 -21.02 3.29
N LYS B 86 1.71 -20.69 2.28
CA LYS B 86 1.94 -21.63 1.21
C LYS B 86 3.42 -21.78 0.91
N PHE B 87 3.87 -23.02 0.76
CA PHE B 87 5.28 -23.19 0.46
C PHE B 87 5.33 -23.93 -0.86
N SER B 88 6.40 -23.71 -1.60
CA SER B 88 6.56 -24.35 -2.89
C SER B 88 7.88 -25.11 -3.00
N GLU B 89 7.81 -26.31 -3.55
CA GLU B 89 9.00 -27.12 -3.76
C GLU B 89 9.13 -27.29 -5.28
N LYS B 90 10.27 -26.97 -5.86
CA LYS B 90 10.39 -27.20 -7.30
C LYS B 90 11.30 -28.41 -7.45
N PHE B 91 10.89 -29.37 -8.28
CA PHE B 91 11.68 -30.58 -8.45
C PHE B 91 12.72 -30.43 -9.55
N GLN B 92 13.76 -29.68 -9.24
CA GLN B 92 14.81 -29.44 -10.21
C GLN B 92 16.09 -30.19 -9.91
N LEU B 93 16.87 -30.45 -10.97
CA LEU B 93 18.15 -31.16 -10.88
C LEU B 93 19.21 -30.24 -10.26
N PHE B 94 19.11 -28.94 -10.54
CA PHE B 94 20.11 -27.97 -10.06
C PHE B 94 19.52 -26.72 -9.37
N THR B 95 20.14 -26.32 -8.26
CA THR B 95 19.77 -25.10 -7.54
C THR B 95 21.05 -24.36 -7.29
N PRO B 96 21.07 -23.07 -7.59
CA PRO B 96 22.27 -22.27 -7.36
C PRO B 96 22.30 -21.76 -5.93
N PHE B 97 21.19 -21.91 -5.20
CA PHE B 97 21.10 -21.44 -3.83
C PHE B 97 21.23 -22.54 -2.80
N SER B 98 21.82 -22.20 -1.67
CA SER B 98 22.03 -23.14 -0.57
C SER B 98 20.75 -23.49 0.17
N LEU B 99 19.75 -22.63 0.07
CA LEU B 99 18.50 -22.88 0.74
C LEU B 99 17.59 -23.73 -0.14
N GLY B 100 18.19 -24.56 -0.97
CA GLY B 100 17.37 -25.40 -1.85
C GLY B 100 17.85 -26.83 -1.99
N PHE B 101 16.93 -27.67 -2.45
CA PHE B 101 17.21 -29.11 -2.67
C PHE B 101 17.19 -29.49 -4.18
N GLU B 102 18.09 -30.38 -4.58
CA GLU B 102 18.20 -30.83 -5.95
C GLU B 102 17.74 -32.29 -5.95
N PHE B 103 16.84 -32.63 -6.86
CA PHE B 103 16.27 -33.94 -6.96
C PHE B 103 16.87 -34.71 -8.11
N ARG B 104 16.73 -36.02 -8.10
CA ARG B 104 17.25 -36.88 -9.17
C ARG B 104 16.05 -37.64 -9.74
N PRO B 105 15.98 -37.79 -11.06
CA PRO B 105 14.81 -38.51 -11.56
C PRO B 105 14.85 -40.00 -11.19
N GLY B 106 13.68 -40.63 -11.14
CA GLY B 106 13.65 -42.04 -10.80
C GLY B 106 13.83 -42.33 -9.32
N ARG B 107 13.71 -41.28 -8.48
CA ARG B 107 13.86 -41.40 -7.03
C ARG B 107 12.60 -40.97 -6.31
N GLU B 108 12.40 -41.52 -5.12
CA GLU B 108 11.27 -41.15 -4.28
C GLU B 108 11.80 -40.31 -3.13
N TYR B 109 10.99 -39.34 -2.69
CA TYR B 109 11.36 -38.46 -1.59
C TYR B 109 10.24 -38.45 -0.58
N PHE B 110 10.58 -38.15 0.66
CA PHE B 110 9.60 -38.23 1.71
C PHE B 110 9.51 -37.03 2.61
N TYR B 111 8.29 -36.69 2.99
CA TYR B 111 8.06 -35.60 3.91
C TYR B 111 7.17 -36.07 5.04
N ILE B 112 7.41 -35.55 6.25
CA ILE B 112 6.55 -35.83 7.40
C ILE B 112 6.41 -34.58 8.24
N SER B 113 5.41 -34.52 9.08
CA SER B 113 5.29 -33.38 9.92
C SER B 113 5.18 -33.76 11.38
N SER B 114 5.36 -32.77 12.23
CA SER B 114 5.19 -32.94 13.67
C SER B 114 4.35 -31.74 14.11
N ALA B 115 3.29 -32.02 14.88
CA ALA B 115 2.38 -30.98 15.39
C ALA B 115 3.17 -29.97 16.22
N ILE B 116 2.95 -28.67 15.98
CA ILE B 116 3.69 -27.62 16.71
C ILE B 116 3.31 -27.56 18.16
N PRO B 117 2.01 -27.61 18.46
CA PRO B 117 1.74 -27.56 19.89
C PRO B 117 2.26 -28.86 20.55
N ASP B 118 2.67 -29.81 19.70
CA ASP B 118 3.22 -31.11 20.10
C ASP B 118 2.24 -32.01 20.86
N ASN B 119 1.37 -32.68 20.10
CA ASN B 119 0.33 -33.55 20.67
C ASN B 119 0.36 -35.01 20.26
N GLY B 120 0.13 -35.90 21.23
CA GLY B 120 0.11 -37.34 20.99
C GLY B 120 1.33 -37.93 20.30
N ARG B 121 2.42 -37.18 20.33
CA ARG B 121 3.68 -37.54 19.70
C ARG B 121 3.95 -39.00 19.31
N ARG B 122 3.30 -39.44 18.23
CA ARG B 122 3.51 -40.79 17.70
C ARG B 122 3.09 -40.90 16.22
N SER B 123 1.80 -40.74 15.92
CA SER B 123 1.35 -40.80 14.53
C SER B 123 1.71 -39.47 13.85
N CYS B 124 1.82 -39.44 12.52
CA CYS B 124 2.14 -38.18 11.84
C CYS B 124 1.58 -38.14 10.42
N LEU B 125 1.37 -36.94 9.89
CA LEU B 125 0.91 -36.85 8.51
C LEU B 125 2.18 -37.07 7.68
N LYS B 126 2.05 -37.66 6.51
CA LYS B 126 3.23 -37.94 5.74
C LYS B 126 2.93 -37.97 4.26
N LEU B 127 3.98 -37.76 3.48
CA LEU B 127 3.85 -37.69 2.04
C LEU B 127 5.03 -38.29 1.32
N LYS B 128 4.73 -39.05 0.30
CA LYS B 128 5.74 -39.70 -0.51
C LYS B 128 5.69 -39.04 -1.91
N VAL B 129 6.84 -38.66 -2.45
CA VAL B 129 6.88 -38.07 -3.79
C VAL B 129 7.84 -38.82 -4.67
N PHE B 130 7.35 -39.36 -5.80
CA PHE B 130 8.23 -40.08 -6.72
C PHE B 130 8.55 -39.19 -7.92
N VAL B 131 9.83 -38.90 -8.13
CA VAL B 131 10.17 -38.08 -9.28
C VAL B 131 10.36 -39.07 -10.42
N ARG B 132 9.48 -39.01 -11.41
CA ARG B 132 9.54 -39.94 -12.54
C ARG B 132 10.80 -39.79 -13.38
N PRO B 133 11.31 -40.91 -13.90
CA PRO B 133 12.52 -40.84 -14.73
C PRO B 133 12.32 -39.97 -15.97
N THR B 134 13.41 -39.37 -16.41
CA THR B 134 13.40 -38.53 -17.58
C THR B 134 12.88 -39.42 -18.68
N ASN B 135 11.84 -38.96 -19.38
CA ASN B 135 11.23 -39.71 -20.49
C ASN B 135 9.89 -40.32 -20.14
N SER B 136 9.80 -40.92 -18.95
CA SER B 136 8.56 -41.53 -18.55
C SER B 136 7.48 -40.48 -18.33
N CYS B 137 7.85 -39.22 -18.55
CA CYS B 137 6.93 -38.09 -18.40
C CYS B 137 6.50 -37.58 -19.76
N MET B 138 6.96 -38.25 -20.81
CA MET B 138 6.71 -37.86 -22.20
C MET B 138 7.52 -36.61 -22.41
C1 NAG C . -3.90 33.75 -15.37
C2 NAG C . -4.61 32.69 -16.25
C3 NAG C . -5.70 33.30 -17.17
C4 NAG C . -6.60 34.32 -16.42
C5 NAG C . -5.61 35.34 -15.80
C6 NAG C . -6.11 36.65 -15.17
C7 NAG C . -3.23 30.78 -16.81
C8 NAG C . -1.86 30.36 -17.30
N2 NAG C . -3.62 32.03 -17.08
O3 NAG C . -6.50 32.23 -17.68
O4 NAG C . -7.53 34.96 -17.35
O5 NAG C . -4.84 34.68 -14.81
O6 NAG C . -7.50 36.63 -14.94
O7 NAG C . -3.94 29.97 -16.21
C1 NAG C . -8.90 34.97 -17.09
C2 NAG C . -9.57 36.02 -17.95
C3 NAG C . -11.10 35.96 -17.86
C4 NAG C . -11.76 34.57 -17.68
C5 NAG C . -10.82 33.59 -16.94
C6 NAG C . -11.24 32.14 -17.06
C7 NAG C . -8.13 37.96 -18.01
C8 NAG C . -7.48 39.03 -17.12
N2 NAG C . -9.18 37.34 -17.50
O3 NAG C . -11.67 36.58 -18.98
O4 NAG C . -12.93 34.80 -16.87
O5 NAG C . -9.46 33.69 -17.41
O6 NAG C . -10.89 31.63 -18.33
O7 NAG C . -7.68 37.72 -19.13
C1 NAG C . -14.20 34.27 -17.10
C2 NAG C . -14.50 33.96 -18.57
C3 NAG C . -15.92 33.38 -18.67
C4 NAG C . -16.11 32.21 -17.70
C5 NAG C . -15.75 32.67 -16.29
C6 NAG C . -15.86 31.52 -15.31
C7 NAG C . -15.28 36.18 -18.98
C8 NAG C . -14.73 37.25 -18.03
N2 NAG C . -14.46 35.19 -19.32
O3 NAG C . -16.16 32.96 -20.00
O4 NAG C . -17.46 31.75 -17.69
O5 NAG C . -14.38 33.12 -16.28
O6 NAG C . -16.07 30.29 -15.99
O7 NAG C . -16.43 36.27 -19.40
C1 NAG D . -7.56 -28.86 4.68
C2 NAG D . -8.01 -27.38 4.74
C3 NAG D . -9.19 -27.12 3.80
C4 NAG D . -8.92 -27.67 2.40
C5 NAG D . -8.59 -29.15 2.53
C6 NAG D . -8.30 -29.84 1.20
C7 NAG D . -7.72 -26.18 6.81
C8 NAG D . -8.10 -26.03 8.28
N2 NAG D . -8.41 -27.07 6.10
O3 NAG D . -9.45 -25.75 3.71
O4 NAG D . -10.10 -27.49 1.58
O5 NAG D . -7.42 -29.30 3.33
O6 NAG D . -8.22 -31.25 1.37
O7 NAG D . -6.84 -25.49 6.33
C1 NAG D . -9.98 -26.73 0.44
C2 NAG D . -11.24 -26.91 -0.43
C3 NAG D . -11.28 -25.92 -1.60
C4 NAG D . -11.01 -24.48 -1.11
C5 NAG D . -9.70 -24.48 -0.32
C6 NAG D . -9.30 -23.12 0.20
C7 NAG D . -11.85 -29.23 -0.25
C8 NAG D . -11.40 -30.66 -0.52
N2 NAG D . -11.26 -28.26 -0.95
O3 NAG D . -12.54 -25.99 -2.26
O4 NAG D . -10.92 -23.58 -2.22
O5 NAG D . -9.81 -25.34 0.83
O6 NAG D . -8.08 -23.19 0.93
O7 NAG D . -12.73 -29.02 0.60
#